data_8XIJ
#
_entry.id   8XIJ
#
_cell.length_a   1.00
_cell.length_b   1.00
_cell.length_c   1.00
_cell.angle_alpha   90.00
_cell.angle_beta   90.00
_cell.angle_gamma   90.00
#
_symmetry.space_group_name_H-M   'P 1'
#
loop_
_entity.id
_entity.type
_entity.pdbx_description
1 polymer 'GPI-anchored wall transfer protein 1'
2 non-polymer Palmitoyl-CoA
#
_entity_poly.entity_id   1
_entity_poly.type   'polypeptide(L)'
_entity_poly.pdbx_seq_one_letter_code
;MSTLKQRKEDFVTGLNGGSITEINAVTSIALVTYISWNLLKNSNLMPPGISSVQYIIDFALNWVALLLSITIYASEPYLL
NTLILLPCLLAFIYGKFTSSSKPSNPIYNKKKMITQRFQLEKKPYITAYRGGMLILTAIAILAVDFPIFPRRFAKVETWG
TSLMDLGVGSFVFSNGIVSSRALLKNLSLKSKPSFLKNAFNALKSGGTLLFLGLLRLFFVKNLEYQEHVTEYGVHWNFFI
TLSLLPLVLTFIDPVTRMVPRCSIAIFISCIYEWLLLKDDRTLNFLILADRNCFFSANREGIFSFLGYCSIFLWGQNTGF
YLLGNKPTLNNLYKPSTQDVVAASKKSSTWDYWTSVTPLSGLCIWSTIFLVISQLVFQYHPYSVSRRFANLPYTLWVITY
NLLFLTGYCLTDKIFGNSSEYYKVAECLESINSNGLFLFLLANVSTGLVNMSMVTIDSSPLKSFLVLLAYCSFIAVISVF
LYRKRIFIKL
;
_entity_poly.pdbx_strand_id   A
#
# COMPACT_ATOMS: atom_id res chain seq x y z
N THR A 13 11.24 -17.50 11.86
CA THR A 13 12.03 -16.30 11.61
C THR A 13 13.47 -16.51 12.05
N GLY A 14 14.21 -15.41 12.23
CA GLY A 14 15.57 -15.50 12.71
C GLY A 14 16.61 -15.80 11.65
N LEU A 15 16.20 -15.93 10.40
CA LEU A 15 17.13 -16.21 9.32
C LEU A 15 17.22 -15.02 8.37
N ASN A 16 18.41 -14.83 7.80
CA ASN A 16 18.59 -13.79 6.79
C ASN A 16 17.65 -14.03 5.62
N GLY A 17 17.00 -12.96 5.16
CA GLY A 17 15.98 -13.07 4.14
C GLY A 17 16.56 -13.25 2.76
N GLY A 18 15.68 -13.16 1.76
CA GLY A 18 16.05 -13.38 0.38
C GLY A 18 16.56 -12.14 -0.32
N SER A 19 16.02 -11.86 -1.51
CA SER A 19 16.47 -10.74 -2.32
C SER A 19 15.26 -10.08 -2.97
N ILE A 20 15.51 -8.91 -3.56
CA ILE A 20 14.44 -8.15 -4.21
C ILE A 20 13.99 -8.84 -5.49
N THR A 21 14.92 -9.42 -6.23
CA THR A 21 14.61 -10.07 -7.50
C THR A 21 13.69 -11.27 -7.35
N GLU A 22 13.57 -11.83 -6.14
CA GLU A 22 12.60 -12.88 -5.87
C GLU A 22 11.26 -12.32 -5.40
N ILE A 23 11.29 -11.25 -4.61
CA ILE A 23 10.06 -10.64 -4.13
C ILE A 23 9.24 -10.09 -5.30
N ASN A 24 9.91 -9.43 -6.26
CA ASN A 24 9.19 -8.92 -7.41
C ASN A 24 8.51 -10.04 -8.19
N ALA A 25 9.23 -11.14 -8.41
CA ALA A 25 8.66 -12.26 -9.16
C ALA A 25 7.49 -12.89 -8.42
N VAL A 26 7.59 -12.98 -7.09
CA VAL A 26 6.49 -13.56 -6.31
C VAL A 26 5.26 -12.66 -6.37
N THR A 27 5.46 -11.34 -6.32
CA THR A 27 4.32 -10.43 -6.17
C THR A 27 3.73 -9.96 -7.51
N SER A 28 4.39 -10.23 -8.64
CA SER A 28 3.83 -9.80 -9.92
C SER A 28 2.52 -10.49 -10.29
N ILE A 29 2.14 -11.56 -9.60
CA ILE A 29 0.91 -12.26 -9.90
C ILE A 29 -0.31 -11.38 -9.71
N ALA A 30 -0.25 -10.42 -8.79
CA ALA A 30 -1.39 -9.53 -8.54
C ALA A 30 -1.72 -8.69 -9.76
N LEU A 31 -0.70 -8.23 -10.50
CA LEU A 31 -0.95 -7.46 -11.71
C LEU A 31 -1.25 -8.37 -12.89
N VAL A 32 -0.60 -9.54 -12.95
CA VAL A 32 -0.85 -10.47 -14.04
C VAL A 32 -2.30 -10.91 -14.06
N THR A 33 -2.86 -11.24 -12.88
CA THR A 33 -4.25 -11.68 -12.83
C THR A 33 -5.21 -10.56 -13.19
N TYR A 34 -4.86 -9.31 -12.88
CA TYR A 34 -5.69 -8.18 -13.26
C TYR A 34 -5.75 -8.03 -14.77
N ILE A 35 -4.59 -8.13 -15.43
CA ILE A 35 -4.57 -8.05 -16.90
C ILE A 35 -5.36 -9.21 -17.49
N SER A 36 -5.21 -10.41 -16.93
CA SER A 36 -5.95 -11.56 -17.43
C SER A 36 -7.46 -11.38 -17.29
N TRP A 37 -7.91 -10.83 -16.16
CA TRP A 37 -9.33 -10.58 -15.97
C TRP A 37 -9.85 -9.57 -16.98
N ASN A 38 -9.08 -8.51 -17.25
CA ASN A 38 -9.50 -7.54 -18.25
C ASN A 38 -9.63 -8.19 -19.63
N LEU A 39 -8.64 -9.01 -20.01
CA LEU A 39 -8.69 -9.68 -21.30
C LEU A 39 -9.89 -10.60 -21.40
N LEU A 40 -10.15 -11.38 -20.35
CA LEU A 40 -11.26 -12.33 -20.38
C LEU A 40 -12.59 -11.58 -20.44
N LYS A 41 -12.71 -10.47 -19.73
CA LYS A 41 -13.94 -9.69 -19.78
C LYS A 41 -14.16 -9.11 -21.17
N ASN A 42 -13.10 -8.61 -21.80
CA ASN A 42 -13.23 -8.05 -23.14
C ASN A 42 -13.38 -9.11 -24.23
N SER A 43 -13.11 -10.39 -23.91
CA SER A 43 -13.27 -11.44 -24.93
C SER A 43 -14.72 -11.64 -25.34
N ASN A 44 -15.67 -11.15 -24.55
CA ASN A 44 -17.09 -11.12 -24.88
C ASN A 44 -17.74 -12.50 -24.91
N LEU A 45 -17.01 -13.55 -24.53
CA LEU A 45 -17.60 -14.88 -24.53
C LEU A 45 -18.46 -15.14 -23.29
N MET A 46 -18.27 -14.34 -22.24
CA MET A 46 -19.02 -14.58 -21.01
C MET A 46 -20.48 -14.17 -21.19
N PRO A 47 -21.41 -14.79 -20.45
CA PRO A 47 -22.79 -14.33 -20.49
C PRO A 47 -22.91 -12.96 -19.87
N PRO A 48 -23.87 -12.15 -20.33
CA PRO A 48 -23.98 -10.77 -19.81
C PRO A 48 -24.45 -10.72 -18.37
N GLY A 49 -25.48 -11.50 -18.03
CA GLY A 49 -26.00 -11.48 -16.68
C GLY A 49 -25.11 -12.20 -15.70
N ILE A 50 -25.29 -11.87 -14.42
CA ILE A 50 -24.50 -12.50 -13.37
C ILE A 50 -24.95 -13.95 -13.19
N SER A 51 -24.01 -14.81 -12.81
CA SER A 51 -24.30 -16.22 -12.66
C SER A 51 -23.22 -16.84 -11.79
N SER A 52 -23.30 -18.17 -11.64
CA SER A 52 -22.31 -18.89 -10.85
C SER A 52 -20.95 -18.90 -11.53
N VAL A 53 -20.94 -18.89 -12.87
CA VAL A 53 -19.68 -18.95 -13.60
C VAL A 53 -18.82 -17.72 -13.31
N GLN A 54 -19.46 -16.54 -13.29
CA GLN A 54 -18.72 -15.31 -13.00
C GLN A 54 -18.09 -15.34 -11.62
N TYR A 55 -18.86 -15.77 -10.61
CA TYR A 55 -18.33 -15.84 -9.26
C TYR A 55 -17.20 -16.86 -9.16
N ILE A 56 -17.36 -18.01 -9.81
CA ILE A 56 -16.31 -19.04 -9.77
C ILE A 56 -15.02 -18.50 -10.39
N ILE A 57 -15.13 -17.86 -11.56
CA ILE A 57 -13.95 -17.33 -12.23
C ILE A 57 -13.30 -16.25 -11.37
N ASP A 58 -14.09 -15.37 -10.78
CA ASP A 58 -13.54 -14.30 -9.95
C ASP A 58 -12.81 -14.86 -8.74
N PHE A 59 -13.43 -15.83 -8.05
CA PHE A 59 -12.81 -16.41 -6.87
C PHE A 59 -11.54 -17.16 -7.22
N ALA A 60 -11.53 -17.85 -8.37
CA ALA A 60 -10.33 -18.57 -8.77
C ALA A 60 -9.21 -17.63 -9.19
N LEU A 61 -9.55 -16.49 -9.81
CA LEU A 61 -8.51 -15.58 -10.28
C LEU A 61 -7.92 -14.77 -9.14
N ASN A 62 -8.74 -14.38 -8.16
CA ASN A 62 -8.28 -13.44 -7.12
C ASN A 62 -7.69 -14.15 -5.91
N TRP A 63 -8.48 -15.02 -5.26
CA TRP A 63 -8.04 -15.58 -3.99
C TRP A 63 -7.13 -16.79 -4.19
N VAL A 64 -7.52 -17.73 -5.05
CA VAL A 64 -6.81 -19.00 -5.14
C VAL A 64 -5.43 -18.82 -5.78
N ALA A 65 -5.33 -17.96 -6.79
CA ALA A 65 -4.06 -17.78 -7.47
C ALA A 65 -2.98 -17.22 -6.54
N LEU A 66 -3.32 -16.24 -5.70
CA LEU A 66 -2.34 -15.72 -4.74
C LEU A 66 -1.92 -16.79 -3.74
N LEU A 67 -2.88 -17.59 -3.29
CA LEU A 67 -2.57 -18.67 -2.34
C LEU A 67 -1.60 -19.67 -2.96
N LEU A 68 -1.83 -20.04 -4.22
CA LEU A 68 -0.90 -20.95 -4.89
C LEU A 68 0.47 -20.31 -5.08
N SER A 69 0.50 -19.03 -5.46
CA SER A 69 1.77 -18.37 -5.72
C SER A 69 2.62 -18.24 -4.46
N ILE A 70 2.02 -17.89 -3.33
CA ILE A 70 2.79 -17.71 -2.11
C ILE A 70 3.32 -19.03 -1.55
N THR A 71 2.53 -20.11 -1.60
CA THR A 71 2.82 -21.30 -0.82
C THR A 71 3.45 -22.43 -1.63
N ILE A 72 2.75 -22.90 -2.67
CA ILE A 72 3.17 -24.14 -3.34
C ILE A 72 4.15 -23.85 -4.47
N TYR A 73 3.83 -22.86 -5.31
CA TYR A 73 4.68 -22.51 -6.45
C TYR A 73 5.65 -21.38 -6.14
N ALA A 74 6.09 -21.25 -4.89
CA ALA A 74 7.02 -20.19 -4.55
C ALA A 74 8.38 -20.37 -5.21
N SER A 75 8.71 -21.58 -5.64
CA SER A 75 10.00 -21.85 -6.27
C SER A 75 9.94 -21.78 -7.79
N GLU A 76 8.79 -21.43 -8.38
CA GLU A 76 8.67 -21.34 -9.83
C GLU A 76 7.59 -20.36 -10.25
N PRO A 77 7.71 -19.07 -9.88
CA PRO A 77 6.66 -18.11 -10.26
C PRO A 77 6.57 -17.86 -11.76
N TYR A 78 7.68 -18.02 -12.48
CA TYR A 78 7.66 -17.78 -13.92
C TYR A 78 6.81 -18.80 -14.67
N LEU A 79 6.72 -20.02 -14.16
CA LEU A 79 5.85 -21.03 -14.77
C LEU A 79 4.38 -20.75 -14.44
N LEU A 80 4.12 -20.19 -13.26
CA LEU A 80 2.75 -19.90 -12.87
C LEU A 80 2.22 -18.66 -13.59
N ASN A 81 3.10 -17.71 -13.90
CA ASN A 81 2.64 -16.45 -14.48
C ASN A 81 2.21 -16.58 -15.94
N THR A 82 2.45 -17.74 -16.57
CA THR A 82 2.08 -17.91 -17.97
C THR A 82 0.82 -18.75 -18.15
N LEU A 83 0.61 -19.74 -17.29
CA LEU A 83 -0.57 -20.60 -17.39
C LEU A 83 -1.85 -19.82 -17.13
N ILE A 84 -1.76 -18.65 -16.50
CA ILE A 84 -2.94 -17.81 -16.30
C ILE A 84 -3.12 -16.87 -17.48
N LEU A 85 -2.03 -16.35 -18.03
CA LEU A 85 -2.11 -15.31 -19.05
C LEU A 85 -2.44 -15.88 -20.43
N LEU A 86 -1.77 -16.97 -20.82
CA LEU A 86 -1.89 -17.45 -22.20
C LEU A 86 -3.32 -17.89 -22.57
N PRO A 87 -4.01 -18.73 -21.80
CA PRO A 87 -5.37 -19.13 -22.21
C PRO A 87 -6.32 -17.97 -22.36
N CYS A 88 -6.21 -16.95 -21.50
CA CYS A 88 -7.07 -15.79 -21.63
C CYS A 88 -6.78 -15.03 -22.92
N LEU A 89 -5.51 -14.92 -23.30
CA LEU A 89 -5.18 -14.28 -24.57
C LEU A 89 -5.74 -15.07 -25.75
N LEU A 90 -5.65 -16.40 -25.69
CA LEU A 90 -6.22 -17.21 -26.77
C LEU A 90 -7.73 -17.02 -26.85
N ALA A 91 -8.42 -16.98 -25.71
CA ALA A 91 -9.85 -16.75 -25.71
C ALA A 91 -10.19 -15.37 -26.27
N PHE A 92 -9.38 -14.36 -25.92
CA PHE A 92 -9.61 -13.02 -26.45
C PHE A 92 -9.47 -12.99 -27.96
N ILE A 93 -8.44 -13.67 -28.49
CA ILE A 93 -8.25 -13.73 -29.94
C ILE A 93 -9.43 -14.44 -30.60
N TYR A 94 -9.88 -15.55 -29.99
CA TYR A 94 -11.02 -16.29 -30.52
C TYR A 94 -12.26 -15.41 -30.58
N GLY A 95 -12.54 -14.69 -29.50
CA GLY A 95 -13.72 -13.82 -29.47
C GLY A 95 -13.62 -12.70 -30.48
N LYS A 96 -12.44 -12.10 -30.60
CA LYS A 96 -12.26 -11.03 -31.57
C LYS A 96 -12.47 -11.51 -32.99
N PHE A 97 -11.93 -12.69 -33.33
CA PHE A 97 -12.07 -13.21 -34.68
C PHE A 97 -13.50 -13.64 -34.98
N THR A 98 -14.17 -14.28 -34.02
CA THR A 98 -15.52 -14.79 -34.22
C THR A 98 -16.58 -13.70 -34.34
N SER A 99 -16.47 -12.62 -33.56
CA SER A 99 -17.51 -11.60 -33.54
C SER A 99 -17.67 -10.96 -34.91
N SER A 100 -18.92 -10.64 -35.24
CA SER A 100 -19.26 -10.07 -36.54
C SER A 100 -18.59 -8.72 -36.76
N ILE A 107 -18.11 8.31 -23.75
CA ILE A 107 -17.77 9.17 -24.86
C ILE A 107 -16.85 10.30 -24.39
N TYR A 108 -15.90 10.68 -25.23
CA TYR A 108 -14.93 11.72 -24.90
C TYR A 108 -15.13 12.90 -25.84
N ASN A 109 -15.25 14.10 -25.25
CA ASN A 109 -15.48 15.31 -26.01
C ASN A 109 -14.63 16.44 -25.45
N LYS A 110 -14.05 17.24 -26.34
CA LYS A 110 -13.25 18.39 -25.90
C LYS A 110 -14.14 19.48 -25.31
N LYS A 111 -15.36 19.62 -25.83
CA LYS A 111 -16.31 20.58 -25.27
C LYS A 111 -16.64 20.23 -23.83
N LYS A 112 -16.77 18.93 -23.52
CA LYS A 112 -17.00 18.51 -22.14
C LYS A 112 -15.82 18.92 -21.25
N MET A 113 -14.60 18.68 -21.71
CA MET A 113 -13.43 19.02 -20.92
C MET A 113 -13.34 20.53 -20.69
N ILE A 114 -13.72 21.32 -21.70
CA ILE A 114 -13.80 22.76 -21.51
C ILE A 114 -14.86 23.12 -20.48
N THR A 115 -16.04 22.50 -20.55
CA THR A 115 -17.12 22.84 -19.64
C THR A 115 -16.95 22.20 -18.28
N GLN A 116 -16.10 21.18 -18.15
CA GLN A 116 -15.90 20.51 -16.87
C GLN A 116 -15.14 21.41 -15.91
N ARG A 117 -15.55 21.39 -14.65
CA ARG A 117 -14.85 22.09 -13.58
C ARG A 117 -13.90 21.13 -12.86
N PHE A 118 -13.35 21.59 -11.74
CA PHE A 118 -12.47 20.74 -10.96
C PHE A 118 -13.26 19.97 -9.92
N GLN A 119 -13.14 18.64 -9.97
CA GLN A 119 -13.84 17.77 -9.05
C GLN A 119 -12.96 16.57 -8.73
N LEU A 120 -13.28 15.88 -7.65
CA LEU A 120 -12.62 14.62 -7.34
C LEU A 120 -13.33 13.47 -8.04
N GLU A 121 -12.57 12.42 -8.35
CA GLU A 121 -13.10 11.26 -9.04
C GLU A 121 -12.58 9.99 -8.40
N LYS A 122 -13.33 8.90 -8.56
CA LYS A 122 -12.94 7.59 -8.06
C LYS A 122 -12.29 6.81 -9.19
N LYS A 123 -11.03 6.43 -9.01
CA LYS A 123 -10.24 5.74 -10.03
C LYS A 123 -10.27 4.24 -9.78
N PRO A 124 -10.40 3.42 -10.84
CA PRO A 124 -10.49 1.97 -10.63
C PRO A 124 -9.18 1.32 -10.23
N TYR A 125 -8.06 1.76 -10.81
CA TYR A 125 -6.79 1.11 -10.49
C TYR A 125 -6.39 1.34 -9.04
N ILE A 126 -6.78 2.47 -8.44
CA ILE A 126 -6.55 2.65 -7.02
C ILE A 126 -7.35 1.63 -6.22
N THR A 127 -8.59 1.36 -6.62
CA THR A 127 -9.38 0.34 -5.95
C THR A 127 -8.72 -1.04 -6.05
N ALA A 128 -8.22 -1.39 -7.23
CA ALA A 128 -7.55 -2.68 -7.38
C ALA A 128 -6.28 -2.75 -6.54
N TYR A 129 -5.51 -1.66 -6.53
CA TYR A 129 -4.26 -1.61 -5.79
C TYR A 129 -4.50 -1.73 -4.30
N ARG A 130 -5.59 -1.14 -3.80
CA ARG A 130 -5.91 -1.26 -2.38
C ARG A 130 -6.47 -2.65 -2.05
N GLY A 131 -7.28 -3.23 -2.94
CA GLY A 131 -7.86 -4.53 -2.65
C GLY A 131 -6.83 -5.65 -2.65
N GLY A 132 -5.92 -5.65 -3.61
CA GLY A 132 -4.93 -6.71 -3.69
C GLY A 132 -4.02 -6.78 -2.48
N MET A 133 -3.59 -5.63 -1.98
CA MET A 133 -2.73 -5.60 -0.81
C MET A 133 -3.45 -6.15 0.42
N LEU A 134 -4.72 -5.81 0.60
CA LEU A 134 -5.48 -6.34 1.73
C LEU A 134 -5.66 -7.85 1.61
N ILE A 135 -5.94 -8.35 0.41
CA ILE A 135 -6.10 -9.79 0.24
C ILE A 135 -4.78 -10.51 0.58
N LEU A 136 -3.67 -9.99 0.07
CA LEU A 136 -2.37 -10.62 0.32
C LEU A 136 -2.02 -10.59 1.80
N THR A 137 -2.28 -9.47 2.47
CA THR A 137 -2.03 -9.38 3.91
C THR A 137 -2.88 -10.38 4.68
N ALA A 138 -4.16 -10.50 4.32
CA ALA A 138 -5.05 -11.44 4.99
C ALA A 138 -4.59 -12.88 4.83
N ILE A 139 -4.11 -13.25 3.65
CA ILE A 139 -3.58 -14.60 3.48
C ILE A 139 -2.30 -14.81 4.28
N ALA A 140 -1.36 -13.86 4.17
CA ALA A 140 -0.03 -14.08 4.73
C ALA A 140 -0.01 -13.94 6.25
N ILE A 141 -1.05 -13.35 6.85
CA ILE A 141 -1.12 -13.31 8.30
C ILE A 141 -1.22 -14.71 8.88
N LEU A 142 -2.04 -15.57 8.29
CA LEU A 142 -2.23 -16.93 8.77
C LEU A 142 -1.26 -17.91 8.14
N ALA A 143 -0.81 -17.66 6.91
CA ALA A 143 0.01 -18.65 6.21
C ALA A 143 1.34 -18.89 6.91
N VAL A 144 1.76 -17.99 7.80
CA VAL A 144 3.11 -18.07 8.36
C VAL A 144 3.23 -19.13 9.45
N ASP A 145 2.12 -19.67 9.93
CA ASP A 145 2.16 -20.61 11.05
C ASP A 145 2.26 -22.07 10.60
N PHE A 146 2.39 -22.33 9.30
CA PHE A 146 2.40 -23.69 8.78
C PHE A 146 3.74 -24.01 8.12
N PRO A 147 4.12 -25.30 8.03
CA PRO A 147 5.45 -25.61 7.51
C PRO A 147 5.55 -25.55 6.00
N ILE A 148 4.41 -25.45 5.29
CA ILE A 148 4.45 -25.33 3.84
C ILE A 148 4.81 -23.93 3.37
N PHE A 149 4.74 -22.94 4.25
CA PHE A 149 5.13 -21.58 3.93
C PHE A 149 6.65 -21.46 4.03
N PRO A 150 7.35 -21.05 2.98
CA PRO A 150 8.82 -21.03 3.02
C PRO A 150 9.33 -20.10 4.11
N ARG A 151 10.43 -20.50 4.74
CA ARG A 151 11.02 -19.70 5.82
C ARG A 151 11.80 -18.50 5.31
N ARG A 152 12.06 -18.42 3.99
CA ARG A 152 12.78 -17.27 3.46
C ARG A 152 11.96 -16.00 3.55
N PHE A 153 10.64 -16.12 3.60
CA PHE A 153 9.76 -14.96 3.57
C PHE A 153 9.46 -14.40 4.95
N ALA A 154 9.88 -15.08 6.02
CA ALA A 154 9.63 -14.59 7.36
C ALA A 154 10.49 -13.36 7.64
N LYS A 155 10.05 -12.55 8.60
CA LYS A 155 10.73 -11.30 8.90
C LYS A 155 12.11 -11.56 9.51
N VAL A 156 12.96 -10.54 9.48
CA VAL A 156 14.33 -10.63 9.93
C VAL A 156 14.59 -9.54 10.96
N GLU A 157 15.50 -9.84 11.89
CA GLU A 157 15.88 -8.90 12.95
C GLU A 157 17.03 -8.02 12.46
N THR A 158 16.90 -6.71 12.64
CA THR A 158 17.91 -5.71 12.26
C THR A 158 18.14 -5.82 10.75
N TRP A 159 19.37 -6.04 10.30
CA TRP A 159 19.68 -5.94 8.88
C TRP A 159 19.10 -7.12 8.09
N GLY A 160 18.67 -6.84 6.87
CA GLY A 160 18.12 -7.84 5.98
C GLY A 160 16.84 -7.38 5.31
N THR A 161 16.49 -8.09 4.25
CA THR A 161 15.29 -7.82 3.47
C THR A 161 14.45 -9.10 3.39
N SER A 162 13.13 -8.93 3.40
CA SER A 162 12.23 -10.08 3.32
C SER A 162 10.89 -9.61 2.75
N LEU A 163 9.97 -10.57 2.61
CA LEU A 163 8.66 -10.25 2.03
C LEU A 163 7.78 -9.54 3.03
N MET A 164 7.91 -9.84 4.32
CA MET A 164 7.02 -9.29 5.33
C MET A 164 7.50 -7.94 5.86
N ASP A 165 8.61 -7.41 5.36
CA ASP A 165 9.06 -6.08 5.77
C ASP A 165 8.55 -4.99 4.86
N LEU A 166 7.69 -5.32 3.90
CA LEU A 166 7.24 -4.34 2.92
C LEU A 166 5.83 -3.82 3.20
N GLY A 167 5.00 -4.60 3.89
CA GLY A 167 3.64 -4.16 4.15
C GLY A 167 3.58 -2.95 5.05
N VAL A 168 4.49 -2.87 6.03
CA VAL A 168 4.50 -1.77 6.98
C VAL A 168 4.77 -0.45 6.28
N GLY A 169 5.63 -0.45 5.26
CA GLY A 169 5.84 0.76 4.48
C GLY A 169 4.76 1.01 3.44
N SER A 170 4.26 -0.06 2.83
CA SER A 170 3.24 0.10 1.79
C SER A 170 1.94 0.67 2.33
N PHE A 171 1.51 0.26 3.52
CA PHE A 171 0.27 0.80 4.08
C PHE A 171 0.41 2.29 4.36
N VAL A 172 1.56 2.71 4.88
CA VAL A 172 1.80 4.14 5.12
C VAL A 172 1.80 4.90 3.80
N PHE A 173 2.41 4.34 2.76
CA PHE A 173 2.42 5.01 1.46
C PHE A 173 1.00 5.17 0.91
N SER A 174 0.18 4.12 1.03
CA SER A 174 -1.19 4.19 0.54
C SER A 174 -2.00 5.22 1.30
N ASN A 175 -1.87 5.25 2.63
CA ASN A 175 -2.57 6.27 3.41
C ASN A 175 -2.13 7.67 3.02
N GLY A 176 -0.83 7.86 2.78
CA GLY A 176 -0.35 9.15 2.34
C GLY A 176 -0.92 9.56 0.99
N ILE A 177 -1.05 8.60 0.08
CA ILE A 177 -1.64 8.88 -1.23
C ILE A 177 -3.08 9.34 -1.06
N VAL A 178 -3.85 8.61 -0.26
CA VAL A 178 -5.28 8.90 -0.15
C VAL A 178 -5.52 10.21 0.59
N SER A 179 -4.74 10.51 1.62
CA SER A 179 -5.05 11.64 2.49
C SER A 179 -4.81 13.01 1.88
N SER A 180 -4.55 13.08 0.56
CA SER A 180 -4.32 14.39 -0.05
C SER A 180 -5.62 15.03 -0.55
N ARG A 181 -6.69 14.24 -0.66
CA ARG A 181 -7.95 14.79 -1.14
C ARG A 181 -8.55 15.77 -0.15
N ALA A 182 -8.23 15.63 1.15
CA ALA A 182 -8.67 16.63 2.11
C ALA A 182 -8.07 17.99 1.81
N LEU A 183 -6.76 18.05 1.53
CA LEU A 183 -6.14 19.32 1.16
C LEU A 183 -6.68 19.84 -0.15
N LEU A 184 -6.87 18.95 -1.14
CA LEU A 184 -7.41 19.40 -2.43
C LEU A 184 -8.79 20.00 -2.26
N LYS A 185 -9.64 19.39 -1.43
CA LYS A 185 -10.99 19.90 -1.22
C LYS A 185 -10.98 21.20 -0.42
N ASN A 186 -10.19 21.25 0.65
CA ASN A 186 -10.10 22.45 1.47
C ASN A 186 -9.49 23.63 0.74
N LEU A 187 -8.73 23.39 -0.33
CA LEU A 187 -8.23 24.48 -1.16
C LEU A 187 -9.36 25.25 -1.84
N SER A 188 -10.45 24.58 -2.21
CA SER A 188 -11.56 25.26 -2.88
C SER A 188 -12.34 26.15 -1.91
N LEU A 189 -12.20 25.94 -0.62
CA LEU A 189 -12.95 26.71 0.36
C LEU A 189 -12.48 28.15 0.39
N LYS A 190 -13.42 29.07 0.57
CA LYS A 190 -13.12 30.50 0.55
C LYS A 190 -12.69 31.04 1.91
N SER A 191 -12.77 30.24 2.97
CA SER A 191 -12.34 30.66 4.29
C SER A 191 -11.37 29.65 4.87
N LYS A 192 -10.30 30.15 5.47
CA LYS A 192 -9.29 29.28 6.03
C LYS A 192 -9.76 28.73 7.39
N PRO A 193 -9.78 27.43 7.58
CA PRO A 193 -10.15 26.87 8.89
C PRO A 193 -9.11 27.22 9.95
N SER A 194 -9.58 27.28 11.20
CA SER A 194 -8.73 27.66 12.31
C SER A 194 -7.70 26.58 12.60
N PHE A 195 -6.63 26.99 13.29
CA PHE A 195 -5.53 26.07 13.59
C PHE A 195 -5.95 24.98 14.56
N LEU A 196 -6.89 25.27 15.46
CA LEU A 196 -7.33 24.27 16.43
C LEU A 196 -8.34 23.30 15.82
N LYS A 197 -8.92 23.68 14.68
CA LYS A 197 -9.97 22.87 14.08
C LYS A 197 -9.37 21.67 13.34
N ASN A 198 -8.21 21.88 12.71
CA ASN A 198 -7.54 20.79 12.00
C ASN A 198 -7.07 19.70 12.96
N ALA A 199 -6.63 20.11 14.16
CA ALA A 199 -6.23 19.12 15.16
C ALA A 199 -7.41 18.25 15.56
N PHE A 200 -8.58 18.85 15.73
CA PHE A 200 -9.78 18.07 16.04
C PHE A 200 -10.15 17.14 14.90
N ASN A 201 -10.01 17.61 13.65
CA ASN A 201 -10.28 16.73 12.51
C ASN A 201 -9.33 15.54 12.49
N ALA A 202 -8.04 15.78 12.75
CA ALA A 202 -7.08 14.69 12.77
C ALA A 202 -7.39 13.69 13.89
N LEU A 203 -7.76 14.21 15.07
CA LEU A 203 -8.13 13.33 16.16
C LEU A 203 -9.36 12.50 15.82
N LYS A 204 -10.35 13.11 15.17
CA LYS A 204 -11.53 12.37 14.73
C LYS A 204 -11.16 11.28 13.74
N SER A 205 -10.26 11.58 12.80
CA SER A 205 -9.81 10.57 11.85
C SER A 205 -9.06 9.42 12.51
N GLY A 206 -8.21 9.70 13.51
CA GLY A 206 -7.39 8.66 14.09
C GLY A 206 -7.87 8.06 15.40
N GLY A 207 -9.08 8.44 15.83
CA GLY A 207 -9.56 8.01 17.14
C GLY A 207 -9.69 6.51 17.32
N THR A 208 -10.28 5.82 16.33
CA THR A 208 -10.49 4.39 16.48
C THR A 208 -9.17 3.63 16.56
N LEU A 209 -8.21 4.00 15.70
CA LEU A 209 -6.90 3.35 15.76
C LEU A 209 -6.19 3.65 17.08
N LEU A 210 -6.29 4.90 17.55
CA LEU A 210 -5.65 5.25 18.81
C LEU A 210 -6.25 4.45 19.96
N PHE A 211 -7.58 4.31 19.97
CA PHE A 211 -8.24 3.55 21.04
C PHE A 211 -7.86 2.08 20.99
N LEU A 212 -7.85 1.48 19.80
CA LEU A 212 -7.48 0.08 19.69
C LEU A 212 -6.02 -0.15 20.07
N GLY A 213 -5.14 0.80 19.76
CA GLY A 213 -3.76 0.71 20.17
C GLY A 213 -3.59 0.82 21.68
N LEU A 214 -4.32 1.75 22.29
CA LEU A 214 -4.21 1.94 23.74
C LEU A 214 -4.79 0.76 24.49
N LEU A 215 -5.77 0.07 23.90
CA LEU A 215 -6.39 -1.06 24.59
C LEU A 215 -5.40 -2.20 24.82
N ARG A 216 -4.37 -2.31 23.99
CA ARG A 216 -3.43 -3.42 24.11
C ARG A 216 -2.50 -3.25 25.30
N LEU A 217 -2.18 -2.01 25.67
CA LEU A 217 -1.35 -1.77 26.83
C LEU A 217 -2.05 -2.24 28.11
N PHE A 218 -3.36 -1.98 28.20
CA PHE A 218 -4.14 -2.39 29.35
C PHE A 218 -4.40 -3.88 29.38
N PHE A 219 -4.07 -4.61 28.31
CA PHE A 219 -4.38 -6.02 28.20
C PHE A 219 -3.17 -6.94 28.10
N VAL A 220 -1.98 -6.40 27.84
CA VAL A 220 -0.79 -7.27 27.74
C VAL A 220 -0.53 -8.00 29.04
N LYS A 221 -0.78 -7.35 30.19
CA LYS A 221 -0.59 -8.02 31.47
C LYS A 221 -1.46 -9.26 31.62
N ASN A 222 -2.71 -9.20 31.18
CA ASN A 222 -3.56 -10.38 31.13
C ASN A 222 -3.11 -11.37 30.07
N LEU A 223 -2.59 -10.87 28.94
CA LEU A 223 -2.14 -11.77 27.88
C LEU A 223 -0.93 -12.60 28.32
N GLU A 224 0.09 -11.93 28.85
CA GLU A 224 1.34 -12.59 29.27
C GLU A 224 1.94 -13.41 28.13
N TYR A 225 1.90 -12.87 26.92
CA TYR A 225 2.39 -13.59 25.75
C TYR A 225 3.91 -13.41 25.63
N GLN A 226 4.43 -13.82 24.47
CA GLN A 226 5.86 -13.68 24.20
C GLN A 226 6.24 -12.21 24.15
N GLU A 227 7.51 -11.95 24.46
CA GLU A 227 7.97 -10.56 24.58
C GLU A 227 7.85 -9.81 23.26
N HIS A 228 8.61 -10.23 22.25
CA HIS A 228 8.68 -9.53 20.96
C HIS A 228 8.95 -8.04 21.16
N VAL A 229 9.83 -7.73 22.11
CA VAL A 229 10.08 -6.34 22.48
C VAL A 229 10.90 -5.63 21.40
N THR A 230 11.78 -6.35 20.72
CA THR A 230 12.75 -5.73 19.80
C THR A 230 12.10 -5.08 18.59
N GLU A 231 10.82 -5.33 18.32
CA GLU A 231 10.19 -4.74 17.15
C GLU A 231 9.93 -3.24 17.35
N TYR A 232 9.10 -2.90 18.34
CA TYR A 232 8.78 -1.50 18.61
C TYR A 232 9.06 -1.06 20.03
N GLY A 233 9.32 -1.97 20.95
CA GLY A 233 9.57 -1.61 22.32
C GLY A 233 8.60 -2.28 23.28
N VAL A 234 8.69 -1.87 24.55
CA VAL A 234 7.85 -2.45 25.59
C VAL A 234 6.40 -2.03 25.40
N HIS A 235 6.16 -0.76 25.09
CA HIS A 235 4.82 -0.20 25.06
C HIS A 235 4.35 0.25 23.68
N TRP A 236 5.26 0.70 22.81
CA TRP A 236 4.86 1.27 21.54
C TRP A 236 4.26 0.20 20.63
N ASN A 237 3.55 0.66 19.60
CA ASN A 237 2.80 -0.23 18.73
C ASN A 237 2.60 0.45 17.38
N PHE A 238 2.19 -0.34 16.39
CA PHE A 238 1.97 0.20 15.06
C PHE A 238 0.72 1.06 15.00
N PHE A 239 -0.31 0.69 15.77
CA PHE A 239 -1.55 1.45 15.79
C PHE A 239 -1.37 2.83 16.40
N ILE A 240 -0.26 3.07 17.09
CA ILE A 240 0.03 4.41 17.59
C ILE A 240 0.80 5.20 16.56
N THR A 241 1.71 4.54 15.85
CA THR A 241 2.46 5.19 14.78
C THR A 241 1.53 5.66 13.67
N LEU A 242 0.55 4.83 13.30
CA LEU A 242 -0.41 5.24 12.28
C LEU A 242 -1.31 6.37 12.77
N SER A 243 -1.60 6.41 14.07
CA SER A 243 -2.50 7.42 14.60
C SER A 243 -1.83 8.78 14.73
N LEU A 244 -0.55 8.81 15.11
CA LEU A 244 0.08 10.08 15.46
C LEU A 244 0.58 10.87 14.25
N LEU A 245 0.62 10.28 13.06
CA LEU A 245 1.19 10.97 11.91
C LEU A 245 0.42 12.22 11.50
N PRO A 246 -0.90 12.17 11.28
CA PRO A 246 -1.60 13.41 10.87
C PRO A 246 -1.52 14.52 11.91
N LEU A 247 -1.54 14.20 13.20
CA LEU A 247 -1.47 15.23 14.23
C LEU A 247 -0.14 15.99 14.14
N VAL A 248 0.95 15.26 13.96
CA VAL A 248 2.25 15.92 13.85
C VAL A 248 2.38 16.67 12.53
N LEU A 249 1.86 16.11 11.44
CA LEU A 249 1.99 16.78 10.15
C LEU A 249 1.02 17.95 9.99
N THR A 250 0.06 18.11 10.89
CA THR A 250 -0.80 19.29 10.84
C THR A 250 0.00 20.57 11.02
N PHE A 251 0.97 20.56 11.93
CA PHE A 251 1.77 21.75 12.24
C PHE A 251 2.67 22.15 11.09
N ILE A 252 2.82 21.31 10.07
CA ILE A 252 3.81 21.54 9.03
C ILE A 252 3.33 22.54 7.98
N ASP A 253 2.02 22.69 7.82
CA ASP A 253 1.48 23.53 6.74
C ASP A 253 2.00 24.96 6.73
N PRO A 254 2.11 25.67 7.87
CA PRO A 254 2.68 27.03 7.79
C PRO A 254 4.07 27.07 7.21
N VAL A 255 4.89 26.05 7.46
CA VAL A 255 6.20 26.00 6.82
C VAL A 255 6.07 25.72 5.34
N THR A 256 5.16 24.84 4.93
CA THR A 256 4.91 24.58 3.51
C THR A 256 4.37 25.80 2.79
N ARG A 257 3.86 26.80 3.52
CA ARG A 257 3.48 28.06 2.88
C ARG A 257 4.67 28.72 2.20
N MET A 258 5.90 28.39 2.62
CA MET A 258 7.10 28.98 2.06
C MET A 258 7.90 28.04 1.20
N VAL A 259 7.86 26.74 1.47
CA VAL A 259 8.66 25.76 0.73
C VAL A 259 7.77 24.63 0.23
N PRO A 260 8.14 23.93 -0.84
CA PRO A 260 7.35 22.78 -1.28
C PRO A 260 7.37 21.66 -0.26
N ARG A 261 6.39 20.77 -0.35
CA ARG A 261 6.22 19.72 0.65
C ARG A 261 7.39 18.74 0.62
N CYS A 262 7.89 18.38 -0.56
CA CYS A 262 8.97 17.41 -0.66
C CYS A 262 10.28 17.91 -0.08
N SER A 263 10.47 19.22 -0.03
CA SER A 263 11.68 19.80 0.55
C SER A 263 11.76 19.62 2.05
N ILE A 264 10.67 19.20 2.69
CA ILE A 264 10.71 18.87 4.11
C ILE A 264 11.09 17.42 4.32
N ALA A 265 10.55 16.53 3.48
CA ALA A 265 10.93 15.12 3.55
C ALA A 265 12.40 14.94 3.24
N ILE A 266 12.93 15.65 2.24
CA ILE A 266 14.35 15.55 1.92
C ILE A 266 15.20 15.98 3.11
N PHE A 267 14.82 17.09 3.73
CA PHE A 267 15.58 17.60 4.88
C PHE A 267 15.56 16.62 6.04
N ILE A 268 14.38 16.05 6.34
CA ILE A 268 14.28 15.11 7.45
C ILE A 268 15.13 13.87 7.19
N SER A 269 15.05 13.32 5.97
CA SER A 269 15.83 12.13 5.66
C SER A 269 17.32 12.40 5.76
N CYS A 270 17.78 13.54 5.24
CA CYS A 270 19.20 13.86 5.29
C CYS A 270 19.68 14.06 6.72
N ILE A 271 18.88 14.75 7.55
CA ILE A 271 19.29 14.98 8.93
C ILE A 271 19.38 13.66 9.68
N TYR A 272 18.39 12.80 9.52
CA TYR A 272 18.40 11.51 10.21
C TYR A 272 19.59 10.65 9.77
N GLU A 273 19.87 10.63 8.46
CA GLU A 273 20.99 9.84 7.98
C GLU A 273 22.33 10.39 8.46
N TRP A 274 22.48 11.72 8.49
CA TRP A 274 23.72 12.29 9.03
C TRP A 274 23.89 11.94 10.50
N LEU A 275 22.80 12.01 11.27
CA LEU A 275 22.88 11.66 12.68
C LEU A 275 23.26 10.19 12.88
N LEU A 276 22.72 9.29 12.05
CA LEU A 276 23.08 7.88 12.17
C LEU A 276 24.50 7.58 11.73
N LEU A 277 24.98 8.20 10.64
CA LEU A 277 26.28 7.86 10.09
C LEU A 277 27.43 8.71 10.65
N LYS A 278 27.14 9.71 11.49
CA LYS A 278 28.19 10.57 12.02
C LYS A 278 29.15 9.79 12.91
N ASP A 279 28.63 8.91 13.76
CA ASP A 279 29.45 8.21 14.73
C ASP A 279 28.77 6.89 15.10
N ASP A 280 29.47 6.08 15.87
CA ASP A 280 28.93 4.79 16.29
C ASP A 280 28.23 4.88 17.64
N ARG A 281 28.27 6.05 18.29
CA ARG A 281 27.65 6.18 19.61
C ARG A 281 26.14 5.99 19.54
N THR A 282 25.48 6.56 18.53
CA THR A 282 24.03 6.42 18.42
C THR A 282 23.65 4.97 18.21
N LEU A 283 24.38 4.26 17.35
CA LEU A 283 24.09 2.85 17.13
C LEU A 283 24.34 2.02 18.39
N ASN A 284 25.41 2.33 19.13
CA ASN A 284 25.66 1.62 20.37
C ASN A 284 24.53 1.82 21.36
N PHE A 285 24.04 3.06 21.47
CA PHE A 285 22.91 3.32 22.36
C PHE A 285 21.66 2.60 21.89
N LEU A 286 21.45 2.54 20.57
CA LEU A 286 20.22 1.96 20.04
C LEU A 286 20.23 0.45 20.15
N ILE A 287 21.42 -0.16 20.19
CA ILE A 287 21.49 -1.62 20.17
C ILE A 287 21.73 -2.21 21.56
N LEU A 288 22.66 -1.65 22.34
CA LEU A 288 23.10 -2.30 23.56
C LEU A 288 22.56 -1.70 24.85
N ALA A 289 21.88 -0.56 24.79
CA ALA A 289 21.47 0.12 26.01
C ALA A 289 20.45 -0.70 26.79
N ASP A 290 20.56 -0.66 28.11
CA ASP A 290 19.64 -1.38 28.98
C ASP A 290 18.28 -0.69 29.01
N ARG A 291 17.22 -1.49 29.14
CA ARG A 291 15.86 -0.97 29.22
C ARG A 291 15.54 -0.54 30.66
N ASN A 292 15.97 0.68 30.99
CA ASN A 292 15.83 1.17 32.35
C ASN A 292 14.70 2.19 32.47
N CYS A 293 14.73 3.26 31.68
CA CYS A 293 13.73 4.32 31.78
C CYS A 293 12.79 4.22 30.60
N PHE A 294 11.78 5.12 30.59
CA PHE A 294 10.77 5.09 29.55
C PHE A 294 11.37 5.35 28.17
N PHE A 295 12.28 6.34 28.08
CA PHE A 295 12.89 6.65 26.80
C PHE A 295 13.79 5.50 26.34
N SER A 296 14.43 4.81 27.27
CA SER A 296 15.28 3.68 26.90
C SER A 296 14.49 2.42 26.62
N ALA A 297 13.21 2.37 27.01
CA ALA A 297 12.40 1.19 26.75
C ALA A 297 11.62 1.29 25.44
N ASN A 298 11.67 2.44 24.77
CA ASN A 298 10.97 2.64 23.50
C ASN A 298 11.82 3.41 22.51
N ARG A 299 13.09 3.04 22.39
CA ARG A 299 14.00 3.74 21.49
C ARG A 299 13.58 3.57 20.03
N GLU A 300 13.32 2.33 19.62
CA GLU A 300 13.04 2.05 18.21
C GLU A 300 11.75 2.70 17.76
N GLY A 301 10.69 2.63 18.59
CA GLY A 301 9.43 3.23 18.20
C GLY A 301 9.53 4.73 18.00
N ILE A 302 10.30 5.40 18.87
CA ILE A 302 10.49 6.84 18.72
C ILE A 302 11.35 7.15 17.51
N PHE A 303 12.38 6.34 17.26
CA PHE A 303 13.38 6.71 16.25
C PHE A 303 12.92 6.38 14.83
N SER A 304 12.03 5.38 14.67
CA SER A 304 11.53 5.08 13.33
C SER A 304 10.51 6.11 12.84
N PHE A 305 10.06 7.01 13.72
CA PHE A 305 9.12 8.05 13.34
C PHE A 305 9.70 8.95 12.25
N LEU A 306 11.00 9.22 12.31
CA LEU A 306 11.62 10.11 11.35
C LEU A 306 11.72 9.50 9.95
N GLY A 307 11.51 8.19 9.82
CA GLY A 307 11.46 7.57 8.51
C GLY A 307 10.04 7.42 8.03
N TYR A 308 9.14 7.07 8.97
CA TYR A 308 7.74 6.94 8.60
C TYR A 308 7.15 8.28 8.17
N CYS A 309 7.59 9.38 8.79
CA CYS A 309 7.13 10.70 8.36
C CYS A 309 7.56 11.00 6.93
N SER A 310 8.80 10.65 6.57
CA SER A 310 9.26 10.88 5.20
C SER A 310 8.45 10.07 4.20
N ILE A 311 8.18 8.80 4.52
CA ILE A 311 7.37 7.98 3.61
C ILE A 311 5.98 8.59 3.44
N PHE A 312 5.37 9.01 4.54
CA PHE A 312 4.03 9.61 4.48
C PHE A 312 4.02 10.88 3.64
N LEU A 313 5.02 11.74 3.82
CA LEU A 313 5.08 12.99 3.06
C LEU A 313 5.26 12.73 1.58
N TRP A 314 6.10 11.77 1.21
CA TRP A 314 6.24 11.44 -0.21
C TRP A 314 4.96 10.86 -0.79
N GLY A 315 4.23 10.06 -0.01
CA GLY A 315 2.94 9.58 -0.48
C GLY A 315 1.96 10.72 -0.72
N GLN A 316 1.92 11.68 0.21
CA GLN A 316 1.06 12.85 0.03
C GLN A 316 1.43 13.62 -1.22
N ASN A 317 2.73 13.83 -1.45
CA ASN A 317 3.16 14.53 -2.66
C ASN A 317 2.78 13.78 -3.93
N THR A 318 2.90 12.45 -3.93
CA THR A 318 2.45 11.68 -5.07
C THR A 318 0.94 11.73 -5.32
N GLY A 319 0.15 11.91 -4.27
CA GLY A 319 -1.29 11.89 -4.44
C GLY A 319 -1.87 13.19 -4.94
N PHE A 320 -1.08 14.07 -5.56
CA PHE A 320 -1.60 15.36 -6.00
C PHE A 320 -2.15 15.32 -7.43
N TYR A 321 -1.47 14.61 -8.34
CA TYR A 321 -1.90 14.56 -9.73
C TYR A 321 -2.73 13.33 -10.08
N LEU A 322 -3.08 12.51 -9.09
CA LEU A 322 -3.86 11.31 -9.38
C LEU A 322 -5.35 11.50 -9.07
N LEU A 323 -5.67 12.34 -8.08
CA LEU A 323 -7.03 12.42 -7.57
C LEU A 323 -7.90 13.44 -8.29
N GLY A 324 -7.37 14.16 -9.26
CA GLY A 324 -8.18 15.11 -10.01
C GLY A 324 -8.87 14.47 -11.20
N ASN A 325 -9.65 15.29 -11.90
CA ASN A 325 -10.32 14.86 -13.12
C ASN A 325 -9.77 15.53 -14.37
N LYS A 326 -8.83 16.45 -14.23
CA LYS A 326 -8.17 17.08 -15.36
C LYS A 326 -6.89 17.73 -14.87
N PRO A 327 -5.86 17.83 -15.72
CA PRO A 327 -4.62 18.47 -15.29
C PRO A 327 -4.82 19.93 -14.95
N THR A 328 -4.09 20.39 -13.93
CA THR A 328 -4.16 21.76 -13.46
C THR A 328 -2.78 22.40 -13.56
N LEU A 329 -2.66 23.60 -13.01
CA LEU A 329 -1.41 24.33 -13.10
C LEU A 329 -0.46 23.93 -11.99
N ASN A 330 0.76 23.55 -12.39
CA ASN A 330 1.83 23.20 -11.45
C ASN A 330 1.42 22.11 -10.47
N ASN A 331 0.82 21.03 -10.99
CA ASN A 331 0.34 19.97 -10.11
C ASN A 331 1.37 18.87 -9.89
N LEU A 332 2.59 19.02 -10.42
CA LEU A 332 3.61 18.00 -10.20
C LEU A 332 4.12 18.05 -8.77
N TYR A 333 4.13 19.23 -8.15
CA TYR A 333 4.65 19.36 -6.79
C TYR A 333 3.78 20.23 -5.88
N LYS A 334 2.67 20.77 -6.36
CA LYS A 334 1.84 21.68 -5.58
C LYS A 334 0.37 21.32 -5.75
N PRO A 335 -0.42 21.38 -4.68
CA PRO A 335 -1.87 21.19 -4.83
C PRO A 335 -2.52 22.45 -5.36
N SER A 336 -3.01 22.39 -6.60
CA SER A 336 -3.54 23.58 -7.24
C SER A 336 -4.79 23.22 -8.03
N THR A 337 -5.69 24.20 -8.15
CA THR A 337 -6.92 24.05 -8.91
C THR A 337 -7.02 24.98 -10.10
N GLN A 338 -6.02 25.84 -10.33
CA GLN A 338 -6.06 26.74 -11.46
C GLN A 338 -5.95 25.97 -12.77
N ASP A 339 -6.71 26.42 -13.77
CA ASP A 339 -6.73 25.79 -15.08
C ASP A 339 -5.52 26.23 -15.91
N VAL A 340 -5.21 25.43 -16.93
CA VAL A 340 -4.09 25.74 -17.82
C VAL A 340 -4.53 26.29 -19.17
N VAL A 341 -5.84 26.43 -19.40
CA VAL A 341 -6.31 26.95 -20.68
C VAL A 341 -5.86 28.40 -20.86
N ALA A 342 -5.99 29.21 -19.79
CA ALA A 342 -5.52 30.58 -19.85
C ALA A 342 -4.00 30.64 -19.89
N ALA A 343 -3.33 29.68 -19.26
CA ALA A 343 -1.87 29.65 -19.28
C ALA A 343 -1.32 29.19 -20.62
N SER A 344 -2.14 28.58 -21.46
CA SER A 344 -1.68 28.06 -22.74
C SER A 344 -1.28 29.17 -23.71
N LYS A 345 -1.65 30.41 -23.42
CA LYS A 345 -1.29 31.55 -24.28
C LYS A 345 0.12 32.01 -23.93
N LYS A 346 1.06 31.72 -24.83
CA LYS A 346 2.48 32.06 -24.63
C LYS A 346 3.01 31.49 -23.32
N SER A 347 2.78 30.20 -23.11
CA SER A 347 3.20 29.55 -21.88
C SER A 347 4.72 29.48 -21.80
N SER A 348 5.23 29.57 -20.57
CA SER A 348 6.66 29.45 -20.34
C SER A 348 7.08 27.99 -20.49
N THR A 349 8.40 27.76 -20.46
CA THR A 349 8.91 26.40 -20.56
C THR A 349 8.88 25.66 -19.24
N TRP A 350 8.50 26.33 -18.15
CA TRP A 350 8.43 25.66 -16.86
C TRP A 350 7.02 25.13 -16.59
N ASP A 351 6.00 25.94 -16.85
CA ASP A 351 4.62 25.49 -16.66
C ASP A 351 4.23 24.43 -17.67
N TYR A 352 4.94 24.33 -18.79
CA TYR A 352 4.63 23.28 -19.75
C TYR A 352 5.09 21.92 -19.27
N TRP A 353 6.23 21.85 -18.58
CA TRP A 353 6.74 20.59 -18.06
C TRP A 353 6.17 20.23 -16.70
N THR A 354 5.84 21.22 -15.87
CA THR A 354 5.35 20.92 -14.53
C THR A 354 3.83 20.89 -14.43
N SER A 355 3.13 20.50 -15.50
CA SER A 355 1.68 20.33 -15.49
C SER A 355 1.34 19.12 -16.33
N VAL A 356 1.15 17.96 -15.70
CA VAL A 356 1.16 16.69 -16.40
C VAL A 356 -0.06 15.86 -16.03
N THR A 357 -0.40 14.93 -16.92
CA THR A 357 -1.37 13.88 -16.67
C THR A 357 -0.77 12.85 -15.72
N PRO A 358 -1.60 12.01 -15.09
CA PRO A 358 -1.07 11.06 -14.09
C PRO A 358 0.07 10.17 -14.60
N LEU A 359 -0.05 9.64 -15.82
CA LEU A 359 0.98 8.74 -16.31
C LEU A 359 2.30 9.46 -16.51
N SER A 360 2.26 10.70 -17.02
CA SER A 360 3.48 11.47 -17.23
C SER A 360 4.19 11.78 -15.91
N GLY A 361 3.45 12.13 -14.86
CA GLY A 361 4.10 12.35 -13.57
C GLY A 361 4.67 11.08 -12.99
N LEU A 362 3.92 9.97 -13.09
CA LEU A 362 4.40 8.71 -12.54
C LEU A 362 5.69 8.27 -13.22
N CYS A 363 5.78 8.39 -14.55
CA CYS A 363 7.01 8.00 -15.24
C CYS A 363 8.20 8.83 -14.79
N ILE A 364 8.02 10.15 -14.68
CA ILE A 364 9.13 11.03 -14.29
C ILE A 364 9.62 10.68 -12.88
N TRP A 365 8.68 10.53 -11.94
CA TRP A 365 9.10 10.24 -10.57
C TRP A 365 9.74 8.87 -10.47
N SER A 366 9.21 7.88 -11.20
CA SER A 366 9.82 6.56 -11.19
C SER A 366 11.25 6.60 -11.69
N THR A 367 11.48 7.33 -12.79
CA THR A 367 12.84 7.42 -13.33
C THR A 367 13.78 8.11 -12.35
N ILE A 368 13.36 9.22 -11.76
CA ILE A 368 14.22 9.94 -10.83
C ILE A 368 14.58 9.06 -9.64
N PHE A 369 13.59 8.37 -9.07
CA PHE A 369 13.87 7.53 -7.91
C PHE A 369 14.73 6.34 -8.27
N LEU A 370 14.54 5.74 -9.45
CA LEU A 370 15.40 4.64 -9.87
C LEU A 370 16.85 5.10 -9.97
N VAL A 371 17.08 6.25 -10.61
CA VAL A 371 18.45 6.73 -10.75
C VAL A 371 19.07 7.09 -9.41
N ILE A 372 18.28 7.63 -8.48
CA ILE A 372 18.83 7.95 -7.16
C ILE A 372 19.18 6.69 -6.38
N SER A 373 18.28 5.70 -6.38
CA SER A 373 18.50 4.49 -5.59
C SER A 373 19.66 3.68 -6.14
N GLN A 374 19.76 3.58 -7.48
CA GLN A 374 20.83 2.79 -8.08
C GLN A 374 22.21 3.28 -7.70
N LEU A 375 22.34 4.56 -7.33
CA LEU A 375 23.61 5.12 -6.89
C LEU A 375 23.74 5.15 -5.38
N VAL A 376 22.63 5.27 -4.65
CA VAL A 376 22.72 5.25 -3.19
C VAL A 376 23.09 3.86 -2.69
N PHE A 377 22.56 2.82 -3.33
CA PHE A 377 22.85 1.45 -2.90
C PHE A 377 24.30 1.04 -3.12
N GLN A 378 25.08 1.82 -3.86
CA GLN A 378 26.48 1.49 -4.12
C GLN A 378 27.45 2.20 -3.18
N TYR A 379 26.96 2.95 -2.20
CA TYR A 379 27.85 3.66 -1.28
C TYR A 379 27.48 3.53 0.19
N HIS A 380 26.28 3.06 0.52
CA HIS A 380 25.88 2.94 1.92
C HIS A 380 26.61 1.76 2.57
N PRO A 381 27.40 1.98 3.62
CA PRO A 381 28.11 0.86 4.26
C PRO A 381 27.21 -0.19 4.89
N TYR A 382 26.07 0.19 5.44
CA TYR A 382 25.15 -0.75 6.10
C TYR A 382 24.12 -1.22 5.07
N SER A 383 23.02 -1.84 5.48
CA SER A 383 22.04 -2.36 4.53
C SER A 383 20.64 -1.93 4.99
N VAL A 384 19.63 -2.48 4.33
CA VAL A 384 18.25 -2.15 4.68
C VAL A 384 17.94 -2.64 6.08
N SER A 385 17.15 -1.88 6.81
CA SER A 385 16.76 -2.25 8.18
C SER A 385 15.41 -1.62 8.49
N ARG A 386 14.38 -2.45 8.64
CA ARG A 386 13.07 -1.91 9.01
C ARG A 386 13.06 -1.43 10.45
N ARG A 387 13.83 -2.10 11.32
CA ARG A 387 13.81 -1.79 12.74
C ARG A 387 14.15 -0.33 13.02
N PHE A 388 15.02 0.26 12.21
CA PHE A 388 15.37 1.67 12.33
C PHE A 388 14.80 2.54 11.23
N ALA A 389 14.34 1.94 10.13
CA ALA A 389 13.77 2.67 9.00
C ALA A 389 14.74 3.73 8.48
N ASN A 390 15.91 3.28 8.05
CA ASN A 390 16.91 4.20 7.52
C ASN A 390 16.60 4.54 6.06
N LEU A 391 17.53 5.26 5.44
CA LEU A 391 17.32 5.78 4.09
C LEU A 391 17.12 4.70 3.02
N PRO A 392 17.93 3.64 2.93
CA PRO A 392 17.69 2.62 1.90
C PRO A 392 16.32 1.96 2.00
N TYR A 393 15.80 1.75 3.22
CA TYR A 393 14.48 1.16 3.36
C TYR A 393 13.42 2.06 2.74
N THR A 394 13.48 3.36 3.00
CA THR A 394 12.52 4.28 2.41
C THR A 394 12.64 4.33 0.91
N LEU A 395 13.88 4.36 0.38
CA LEU A 395 14.05 4.38 -1.06
C LEU A 395 13.45 3.13 -1.71
N TRP A 396 13.72 1.96 -1.14
CA TRP A 396 13.19 0.72 -1.68
C TRP A 396 11.66 0.73 -1.66
N VAL A 397 11.08 1.14 -0.53
CA VAL A 397 9.63 1.12 -0.37
C VAL A 397 8.97 2.06 -1.38
N ILE A 398 9.53 3.25 -1.58
CA ILE A 398 8.93 4.20 -2.50
C ILE A 398 9.07 3.73 -3.95
N THR A 399 10.27 3.26 -4.32
CA THR A 399 10.50 2.85 -5.71
C THR A 399 9.61 1.68 -6.11
N TYR A 400 9.47 0.69 -5.23
CA TYR A 400 8.63 -0.46 -5.55
C TYR A 400 7.19 -0.03 -5.82
N ASN A 401 6.64 0.82 -4.95
CA ASN A 401 5.26 1.25 -5.09
C ASN A 401 5.05 2.10 -6.35
N LEU A 402 5.98 3.00 -6.65
CA LEU A 402 5.83 3.79 -7.87
C LEU A 402 5.88 2.91 -9.11
N LEU A 403 6.81 1.95 -9.15
CA LEU A 403 6.93 1.07 -10.31
C LEU A 403 5.75 0.13 -10.46
N PHE A 404 5.05 -0.21 -9.39
CA PHE A 404 3.84 -1.00 -9.55
C PHE A 404 2.64 -0.15 -9.97
N LEU A 405 2.51 1.05 -9.40
CA LEU A 405 1.42 1.93 -9.78
C LEU A 405 1.51 2.34 -11.24
N THR A 406 2.73 2.45 -11.78
CA THR A 406 2.86 2.78 -13.21
C THR A 406 2.20 1.74 -14.09
N GLY A 407 2.45 0.45 -13.84
CA GLY A 407 1.82 -0.60 -14.61
C GLY A 407 0.33 -0.68 -14.39
N TYR A 408 -0.09 -0.51 -13.14
CA TYR A 408 -1.53 -0.51 -12.85
C TYR A 408 -2.25 0.58 -13.61
N CYS A 409 -1.62 1.75 -13.76
CA CYS A 409 -2.24 2.85 -14.48
C CYS A 409 -2.18 2.63 -15.99
N LEU A 410 -1.08 2.05 -16.48
CA LEU A 410 -0.94 1.83 -17.92
C LEU A 410 -1.93 0.80 -18.44
N THR A 411 -2.27 -0.20 -17.62
CA THR A 411 -3.25 -1.20 -18.05
C THR A 411 -4.59 -0.57 -18.38
N ASP A 412 -5.06 0.35 -17.53
CA ASP A 412 -6.32 1.04 -17.78
C ASP A 412 -6.31 1.84 -19.07
N LYS A 413 -5.23 2.56 -19.34
CA LYS A 413 -5.15 3.31 -20.59
C LYS A 413 -5.14 2.39 -21.80
N ILE A 414 -4.40 1.27 -21.72
CA ILE A 414 -4.36 0.35 -22.84
C ILE A 414 -5.75 -0.24 -23.10
N PHE A 415 -6.45 -0.64 -22.05
CA PHE A 415 -7.75 -1.27 -22.23
C PHE A 415 -8.91 -0.28 -22.30
N GLY A 416 -8.65 1.00 -22.04
CA GLY A 416 -9.66 2.03 -22.22
C GLY A 416 -10.89 1.97 -21.35
N ASN A 417 -10.72 2.12 -20.03
CA ASN A 417 -11.87 2.15 -19.12
C ASN A 417 -11.80 3.32 -18.15
N SER A 418 -11.23 4.45 -18.58
CA SER A 418 -11.16 5.66 -17.77
C SER A 418 -12.11 6.70 -18.36
N SER A 419 -13.34 6.74 -17.85
CA SER A 419 -14.33 7.68 -18.34
C SER A 419 -15.43 7.91 -17.31
N LYS A 423 -16.09 -0.19 -12.99
CA LYS A 423 -16.01 -1.12 -11.86
C LYS A 423 -14.98 -2.21 -12.13
N VAL A 424 -14.65 -2.98 -11.10
CA VAL A 424 -13.68 -4.06 -11.20
C VAL A 424 -14.30 -5.32 -10.62
N ALA A 425 -13.49 -6.37 -10.48
CA ALA A 425 -13.98 -7.65 -9.97
C ALA A 425 -14.63 -7.47 -8.60
N GLU A 426 -15.70 -8.21 -8.36
CA GLU A 426 -16.51 -8.01 -7.16
C GLU A 426 -15.69 -8.26 -5.89
N CYS A 427 -14.82 -9.27 -5.91
CA CYS A 427 -14.05 -9.60 -4.72
C CYS A 427 -13.03 -8.53 -4.36
N LEU A 428 -12.72 -7.62 -5.28
CA LEU A 428 -11.84 -6.50 -4.96
C LEU A 428 -12.60 -5.34 -4.34
N GLU A 429 -13.74 -4.97 -4.94
CA GLU A 429 -14.55 -3.89 -4.37
C GLU A 429 -15.09 -4.26 -3.00
N SER A 430 -15.50 -5.51 -2.82
CA SER A 430 -16.05 -5.94 -1.54
C SER A 430 -15.01 -5.82 -0.42
N ILE A 431 -13.77 -6.23 -0.69
CA ILE A 431 -12.73 -6.14 0.33
C ILE A 431 -12.26 -4.70 0.49
N ASN A 432 -12.41 -3.87 -0.55
CA ASN A 432 -12.00 -2.47 -0.42
C ASN A 432 -12.99 -1.65 0.39
N SER A 433 -14.29 -1.97 0.30
CA SER A 433 -15.29 -1.14 0.96
C SER A 433 -15.43 -1.42 2.45
N ASN A 434 -14.84 -2.51 2.95
CA ASN A 434 -14.96 -2.92 4.34
C ASN A 434 -13.61 -3.31 4.91
N GLY A 435 -12.60 -2.45 4.75
CA GLY A 435 -11.24 -2.78 5.11
C GLY A 435 -10.99 -3.13 6.56
N LEU A 436 -11.22 -2.18 7.47
CA LEU A 436 -10.81 -2.37 8.86
C LEU A 436 -11.59 -3.51 9.53
N PHE A 437 -12.90 -3.59 9.29
CA PHE A 437 -13.70 -4.62 9.92
C PHE A 437 -13.26 -6.02 9.49
N LEU A 438 -13.02 -6.19 8.18
CA LEU A 438 -12.59 -7.50 7.70
C LEU A 438 -11.17 -7.82 8.14
N PHE A 439 -10.33 -6.80 8.29
CA PHE A 439 -8.98 -7.03 8.84
C PHE A 439 -9.08 -7.57 10.26
N LEU A 440 -9.91 -6.95 11.09
CA LEU A 440 -10.07 -7.43 12.47
C LEU A 440 -10.68 -8.82 12.50
N LEU A 441 -11.66 -9.08 11.63
CA LEU A 441 -12.26 -10.41 11.57
C LEU A 441 -11.23 -11.47 11.18
N ALA A 442 -10.37 -11.16 10.21
CA ALA A 442 -9.33 -12.09 9.82
C ALA A 442 -8.37 -12.36 10.98
N ASN A 443 -7.99 -11.30 11.70
CA ASN A 443 -7.08 -11.49 12.83
C ASN A 443 -7.71 -12.40 13.89
N VAL A 444 -8.98 -12.18 14.20
CA VAL A 444 -9.65 -13.04 15.18
C VAL A 444 -9.73 -14.47 14.67
N SER A 445 -9.97 -14.65 13.38
CA SER A 445 -10.05 -16.00 12.82
C SER A 445 -8.72 -16.74 12.97
N THR A 446 -7.61 -16.10 12.59
CA THR A 446 -6.32 -16.76 12.77
C THR A 446 -6.02 -17.02 14.23
N GLY A 447 -6.39 -16.09 15.11
CA GLY A 447 -6.23 -16.34 16.53
C GLY A 447 -6.98 -17.57 17.00
N LEU A 448 -8.17 -17.80 16.44
CA LEU A 448 -8.94 -18.99 16.81
C LEU A 448 -8.32 -20.26 16.26
N VAL A 449 -7.89 -20.25 14.99
CA VAL A 449 -7.30 -21.46 14.41
C VAL A 449 -6.00 -21.82 15.11
N ASN A 450 -5.23 -20.81 15.53
CA ASN A 450 -3.96 -21.08 16.19
C ASN A 450 -4.12 -21.85 17.50
N MET A 451 -5.28 -21.74 18.16
CA MET A 451 -5.53 -22.47 19.40
C MET A 451 -6.48 -23.64 19.23
N SER A 452 -7.19 -23.77 18.11
CA SER A 452 -8.05 -24.92 17.89
C SER A 452 -7.26 -26.16 17.47
N MET A 453 -5.99 -25.99 17.10
CA MET A 453 -5.19 -27.11 16.62
C MET A 453 -3.71 -26.74 16.72
N VAL A 454 -2.86 -27.74 16.56
CA VAL A 454 -1.41 -27.55 16.47
C VAL A 454 -1.06 -27.39 15.00
N THR A 455 -0.34 -26.33 14.66
CA THR A 455 -0.11 -25.99 13.27
C THR A 455 1.20 -26.57 12.74
N ILE A 456 2.28 -26.46 13.53
CA ILE A 456 3.60 -26.87 13.07
C ILE A 456 3.71 -28.37 12.82
N ASP A 457 2.77 -29.16 13.32
CA ASP A 457 2.78 -30.60 13.12
C ASP A 457 1.77 -31.07 12.08
N SER A 458 1.30 -30.19 11.21
CA SER A 458 0.27 -30.56 10.25
C SER A 458 0.89 -31.09 8.96
N SER A 459 0.13 -31.94 8.27
CA SER A 459 0.51 -32.44 6.96
C SER A 459 0.16 -31.43 5.89
N PRO A 460 0.89 -31.43 4.75
CA PRO A 460 0.65 -30.39 3.74
C PRO A 460 -0.78 -30.35 3.21
N LEU A 461 -1.40 -31.50 2.99
CA LEU A 461 -2.77 -31.51 2.47
C LEU A 461 -3.74 -30.91 3.48
N LYS A 462 -3.57 -31.25 4.76
CA LYS A 462 -4.42 -30.65 5.80
C LYS A 462 -4.25 -29.15 5.84
N SER A 463 -3.01 -28.67 5.73
CA SER A 463 -2.74 -27.23 5.75
C SER A 463 -3.42 -26.53 4.57
N PHE A 464 -3.30 -27.12 3.38
CA PHE A 464 -3.92 -26.49 2.22
C PHE A 464 -5.43 -26.46 2.35
N LEU A 465 -6.03 -27.55 2.85
CA LEU A 465 -7.48 -27.56 3.04
C LEU A 465 -7.92 -26.52 4.06
N VAL A 466 -7.18 -26.37 5.16
CA VAL A 466 -7.52 -25.37 6.16
C VAL A 466 -7.46 -23.97 5.56
N LEU A 467 -6.39 -23.68 4.82
CA LEU A 467 -6.25 -22.36 4.22
C LEU A 467 -7.36 -22.08 3.22
N LEU A 468 -7.71 -23.07 2.40
CA LEU A 468 -8.77 -22.88 1.42
C LEU A 468 -10.12 -22.62 2.09
N ALA A 469 -10.43 -23.38 3.14
CA ALA A 469 -11.70 -23.15 3.85
C ALA A 469 -11.73 -21.76 4.48
N TYR A 470 -10.63 -21.33 5.08
CA TYR A 470 -10.59 -20.01 5.69
C TYR A 470 -10.77 -18.91 4.65
N CYS A 471 -10.11 -19.05 3.49
CA CYS A 471 -10.28 -18.08 2.42
C CYS A 471 -11.72 -18.02 1.93
N SER A 472 -12.35 -19.18 1.77
CA SER A 472 -13.74 -19.20 1.32
C SER A 472 -14.67 -18.53 2.33
N PHE A 473 -14.45 -18.77 3.62
CA PHE A 473 -15.28 -18.15 4.65
C PHE A 473 -15.16 -16.63 4.59
N ILE A 474 -13.92 -16.12 4.53
CA ILE A 474 -13.73 -14.67 4.50
C ILE A 474 -14.36 -14.08 3.25
N ALA A 475 -14.15 -14.70 2.08
CA ALA A 475 -14.70 -14.15 0.85
C ALA A 475 -16.22 -14.12 0.89
N VAL A 476 -16.85 -15.19 1.39
CA VAL A 476 -18.30 -15.24 1.43
C VAL A 476 -18.85 -14.15 2.33
N ILE A 477 -18.25 -13.98 3.52
CA ILE A 477 -18.73 -12.95 4.43
C ILE A 477 -18.59 -11.57 3.80
N SER A 478 -17.43 -11.31 3.18
CA SER A 478 -17.18 -10.00 2.60
C SER A 478 -18.16 -9.68 1.48
N VAL A 479 -18.44 -10.65 0.61
CA VAL A 479 -19.36 -10.40 -0.49
C VAL A 479 -20.79 -10.23 0.02
N PHE A 480 -21.18 -11.03 1.01
CA PHE A 480 -22.53 -10.92 1.55
C PHE A 480 -22.76 -9.55 2.19
N LEU A 481 -21.77 -9.03 2.90
CA LEU A 481 -21.91 -7.68 3.47
C LEU A 481 -22.05 -6.63 2.38
N TYR A 482 -21.36 -6.82 1.24
CA TYR A 482 -21.38 -5.82 0.19
C TYR A 482 -22.69 -5.82 -0.59
N ARG A 483 -23.23 -7.00 -0.86
CA ARG A 483 -24.45 -7.08 -1.69
C ARG A 483 -25.63 -6.39 -1.00
N LYS A 484 -25.79 -6.62 0.30
CA LYS A 484 -26.92 -6.06 1.03
C LYS A 484 -26.74 -4.59 1.36
N ARG A 485 -25.67 -3.95 0.90
CA ARG A 485 -25.42 -2.53 1.11
C ARG A 485 -25.35 -2.20 2.60
N ILE A 486 -24.36 -2.77 3.29
CA ILE A 486 -24.07 -2.45 4.69
C ILE A 486 -22.61 -2.06 4.78
N PHE A 487 -22.35 -0.88 5.33
CA PHE A 487 -21.00 -0.38 5.51
C PHE A 487 -20.80 -0.03 6.97
N ILE A 488 -19.84 -0.67 7.62
CA ILE A 488 -19.61 -0.56 9.05
C ILE A 488 -18.40 0.34 9.28
N LYS A 489 -18.59 1.42 10.02
CA LYS A 489 -17.53 2.35 10.37
C LYS A 489 -17.24 2.23 11.86
N LEU A 490 -15.98 1.98 12.20
CA LEU A 490 -15.60 1.81 13.60
C LEU A 490 -14.90 3.05 14.13
#